data_3D8A
#
_entry.id   3D8A
#
_cell.length_a   142.246
_cell.length_b   142.246
_cell.length_c   70.950
_cell.angle_alpha   90.00
_cell.angle_beta   90.00
_cell.angle_gamma   120.00
#
_symmetry.space_group_name_H-M   'H 3'
#
loop_
_entity.id
_entity.type
_entity.pdbx_description
1 polymer 'Relaxosome protein TraM'
2 polymer 'Protein traD'
3 water water
#
loop_
_entity_poly.entity_id
_entity_poly.type
_entity_poly.pdbx_seq_one_letter_code
_entity_poly.pdbx_strand_id
1 'polypeptide(L)' ESAFNQTEFNKLLLECVVKTQSSVAKILGIESLSPHVSGNSKFEYANMVEDIREKVSSEMERFFPKNDDE A,B,C,D,E,F,G,H
2 'polypeptide(L)' GEDVEPGDDF S,T,U,V,W,X,Y,Z
#
# COMPACT_ATOMS: atom_id res chain seq x y z
N ALA A 3 -3.48 -19.11 -16.48
CA ALA A 3 -4.00 -18.48 -15.05
C ALA A 3 -3.39 -17.08 -14.80
N PHE A 4 -2.06 -17.01 -14.82
CA PHE A 4 -1.27 -15.77 -14.70
C PHE A 4 -1.96 -14.46 -15.20
N ASN A 5 -1.84 -13.34 -14.42
CA ASN A 5 -2.40 -12.08 -14.94
C ASN A 5 -1.33 -11.19 -15.58
N GLN A 6 -1.29 -11.18 -16.91
CA GLN A 6 -0.29 -10.46 -17.68
C GLN A 6 -0.42 -8.94 -17.56
N THR A 7 -1.65 -8.44 -17.44
CA THR A 7 -1.86 -7.00 -17.29
C THR A 7 -1.30 -6.48 -15.96
N GLU A 8 -1.58 -7.19 -14.86
CA GLU A 8 -1.06 -6.84 -13.54
C GLU A 8 0.46 -6.95 -13.51
N PHE A 9 0.99 -7.97 -14.18
CA PHE A 9 2.44 -8.13 -14.31
C PHE A 9 3.07 -6.91 -14.97
N ASN A 10 2.50 -6.51 -16.10
CA ASN A 10 2.97 -5.34 -16.83
C ASN A 10 2.91 -4.06 -15.99
N LYS A 11 1.83 -3.90 -15.22
CA LYS A 11 1.67 -2.75 -14.32
C LYS A 11 2.80 -2.67 -13.30
N LEU A 12 3.04 -3.78 -12.61
CA LEU A 12 4.09 -3.84 -11.62
C LEU A 12 5.46 -3.64 -12.28
N LEU A 13 5.69 -4.32 -13.39
CA LEU A 13 6.95 -4.20 -14.12
C LEU A 13 7.21 -2.74 -14.52
N LEU A 14 6.22 -2.11 -15.14
CA LEU A 14 6.40 -0.74 -15.56
C LEU A 14 6.58 0.21 -14.36
N GLU A 15 5.80 0.02 -13.30
CA GLU A 15 5.96 0.86 -12.12
C GLU A 15 7.37 0.79 -11.56
N CYS A 16 7.91 -0.42 -11.46
CA CYS A 16 9.26 -0.60 -10.93
C CYS A 16 10.31 0.11 -11.77
N VAL A 17 10.31 -0.11 -13.09
CA VAL A 17 11.39 0.40 -13.91
C VAL A 17 11.39 1.92 -14.02
N VAL A 18 10.19 2.50 -14.09
CA VAL A 18 10.06 3.95 -14.12
C VAL A 18 10.46 4.53 -12.77
N LYS A 19 9.99 3.92 -11.69
CA LYS A 19 10.32 4.39 -10.34
C LYS A 19 11.82 4.34 -10.11
N THR A 20 12.44 3.24 -10.55
CA THR A 20 13.87 3.04 -10.43
C THR A 20 14.66 4.05 -11.26
N GLN A 21 14.26 4.29 -12.52
CA GLN A 21 14.97 5.29 -13.33
C GLN A 21 14.92 6.67 -12.68
N SER A 22 13.76 7.04 -12.17
CA SER A 22 13.60 8.35 -11.57
C SER A 22 14.43 8.44 -10.29
N SER A 23 14.43 7.37 -9.49
CA SER A 23 15.21 7.32 -8.25
C SER A 23 16.71 7.37 -8.52
N VAL A 24 17.13 6.67 -9.56
CA VAL A 24 18.52 6.58 -9.95
C VAL A 24 19.03 7.93 -10.51
N ALA A 25 18.18 8.65 -11.25
CA ALA A 25 18.53 10.01 -11.70
C ALA A 25 18.89 10.90 -10.50
N LYS A 26 18.08 10.80 -9.45
CA LYS A 26 18.30 11.58 -8.24
C LYS A 26 19.60 11.20 -7.53
N ILE A 27 19.84 9.88 -7.38
CA ILE A 27 21.08 9.39 -6.78
C ILE A 27 22.27 9.87 -7.61
N LEU A 28 22.18 9.75 -8.93
CA LEU A 28 23.23 10.26 -9.81
C LEU A 28 23.50 11.75 -9.55
N GLY A 29 22.44 12.54 -9.45
CA GLY A 29 22.53 13.97 -9.09
C GLY A 29 23.33 14.20 -7.82
N ILE A 30 22.92 13.56 -6.74
CA ILE A 30 23.60 13.68 -5.44
C ILE A 30 25.08 13.27 -5.54
N GLU A 31 25.32 12.15 -6.21
CA GLU A 31 26.68 11.61 -6.34
C GLU A 31 27.59 12.51 -7.14
N SER A 32 27.06 13.16 -8.16
CA SER A 32 27.88 14.05 -8.98
C SER A 32 28.33 15.29 -8.19
N LEU A 33 27.65 15.54 -7.07
CA LEU A 33 27.96 16.69 -6.21
C LEU A 33 28.90 16.27 -5.09
N SER A 34 29.19 14.97 -5.01
CA SER A 34 30.03 14.43 -3.95
C SER A 34 31.41 15.08 -3.93
N PRO A 35 31.93 15.42 -2.74
CA PRO A 35 33.22 16.12 -2.63
C PRO A 35 34.34 15.38 -3.35
N HIS A 36 34.39 14.07 -3.18
CA HIS A 36 35.47 13.27 -3.75
C HIS A 36 35.57 13.20 -5.29
N VAL A 37 34.64 13.81 -6.04
CA VAL A 37 34.72 13.77 -7.52
C VAL A 37 34.58 15.12 -8.27
N SER A 38 34.55 16.22 -7.53
CA SER A 38 34.50 17.53 -8.17
C SER A 38 35.83 17.82 -8.87
N GLY A 39 35.76 18.50 -10.01
CA GLY A 39 36.95 18.70 -10.84
C GLY A 39 37.02 17.67 -11.95
N ASN A 40 36.91 16.39 -11.59
CA ASN A 40 36.77 15.29 -12.53
C ASN A 40 35.51 15.50 -13.38
N SER A 41 35.70 16.18 -14.51
CA SER A 41 34.59 16.60 -15.36
C SER A 41 33.85 15.40 -15.97
N LYS A 42 34.47 14.23 -15.90
CA LYS A 42 33.88 12.96 -16.33
C LYS A 42 32.66 12.60 -15.46
N PHE A 43 32.66 13.07 -14.22
CA PHE A 43 31.55 12.84 -13.30
C PHE A 43 30.67 14.09 -13.06
N GLU A 44 30.78 15.07 -13.96
CA GLU A 44 29.87 16.22 -13.98
C GLU A 44 28.51 15.76 -14.54
N TYR A 45 27.42 16.15 -13.87
CA TYR A 45 26.09 15.64 -14.18
C TYR A 45 25.72 15.70 -15.66
N ALA A 46 25.90 16.88 -16.27
CA ALA A 46 25.57 17.09 -17.67
C ALA A 46 26.36 16.12 -18.57
N ASN A 47 27.66 15.99 -18.29
CA ASN A 47 28.51 15.07 -19.07
C ASN A 47 28.04 13.61 -18.95
N MET A 48 27.67 13.20 -17.74
CA MET A 48 27.22 11.82 -17.53
C MET A 48 25.89 11.58 -18.22
N VAL A 49 24.98 12.54 -18.14
CA VAL A 49 23.72 12.43 -18.84
C VAL A 49 23.90 12.31 -20.35
N GLU A 50 24.84 13.08 -20.91
CA GLU A 50 25.12 12.98 -22.34
C GLU A 50 25.57 11.55 -22.71
N ASP A 51 26.51 11.02 -21.93
CA ASP A 51 27.03 9.66 -22.14
C ASP A 51 25.91 8.62 -22.10
N ILE A 52 25.07 8.74 -21.07
CA ILE A 52 23.94 7.84 -20.83
C ILE A 52 22.95 7.87 -21.99
N ARG A 53 22.62 9.06 -22.47
CA ARG A 53 21.66 9.21 -23.57
C ARG A 53 22.20 8.61 -24.86
N GLU A 54 23.50 8.77 -25.09
CA GLU A 54 24.18 8.17 -26.24
C GLU A 54 24.12 6.64 -26.20
N LYS A 55 24.33 6.07 -25.01
CA LYS A 55 24.23 4.62 -24.82
C LYS A 55 22.80 4.11 -25.09
N VAL A 56 21.81 4.82 -24.57
CA VAL A 56 20.39 4.49 -24.76
C VAL A 56 20.03 4.53 -26.24
N SER A 57 20.38 5.63 -26.92
CA SER A 57 20.16 5.79 -28.35
C SER A 57 20.60 4.58 -29.16
N SER A 58 21.83 4.11 -28.93
CA SER A 58 22.41 3.04 -29.73
C SER A 58 21.78 1.69 -29.44
N GLU A 59 21.30 1.50 -28.21
CA GLU A 59 20.56 0.30 -27.87
C GLU A 59 19.11 0.33 -28.39
N MET A 60 18.49 1.52 -28.36
CA MET A 60 17.14 1.70 -28.88
C MET A 60 17.07 1.58 -30.40
N GLU A 61 18.03 2.22 -31.09
CA GLU A 61 18.12 2.21 -32.55
C GLU A 61 18.17 0.78 -33.10
N ARG A 62 18.75 -0.12 -32.31
CA ARG A 62 18.87 -1.54 -32.63
C ARG A 62 17.51 -2.23 -32.74
N PHE A 63 16.54 -1.76 -31.94
CA PHE A 63 15.21 -2.36 -31.89
C PHE A 63 14.09 -1.49 -32.46
N PHE A 64 14.34 -0.19 -32.56
CA PHE A 64 13.31 0.76 -33.01
C PHE A 64 13.84 1.75 -34.05
N PRO A 65 13.98 1.31 -35.31
CA PRO A 65 14.56 2.15 -36.37
C PRO A 65 13.73 3.40 -36.63
N ALA B 3 10.76 -7.24 -38.40
CA ALA B 3 10.24 -6.00 -37.74
C ALA B 3 10.86 -5.77 -36.35
N PHE B 4 10.88 -6.82 -35.53
CA PHE B 4 11.28 -6.74 -34.11
C PHE B 4 11.66 -8.14 -33.59
N ASN B 5 12.89 -8.28 -33.10
CA ASN B 5 13.36 -9.59 -32.61
C ASN B 5 13.09 -9.74 -31.11
N GLN B 6 12.11 -10.56 -30.77
CA GLN B 6 11.68 -10.75 -29.38
C GLN B 6 12.75 -11.43 -28.51
N THR B 7 13.47 -12.38 -29.12
CA THR B 7 14.56 -13.09 -28.44
C THR B 7 15.69 -12.15 -28.03
N GLU B 8 16.14 -11.31 -28.97
CA GLU B 8 17.19 -10.32 -28.69
C GLU B 8 16.74 -9.31 -27.66
N PHE B 9 15.47 -8.91 -27.74
CA PHE B 9 14.88 -7.99 -26.79
C PHE B 9 14.97 -8.56 -25.39
N ASN B 10 14.54 -9.81 -25.22
CA ASN B 10 14.61 -10.50 -23.93
C ASN B 10 16.05 -10.63 -23.40
N LYS B 11 16.99 -10.88 -24.31
CA LYS B 11 18.40 -10.98 -23.93
C LYS B 11 18.91 -9.69 -23.30
N LEU B 12 18.71 -8.58 -24.01
CA LEU B 12 19.14 -7.28 -23.52
C LEU B 12 18.40 -6.93 -22.24
N LEU B 13 17.09 -7.13 -22.25
CA LEU B 13 16.26 -6.87 -21.08
C LEU B 13 16.79 -7.61 -19.86
N LEU B 14 17.03 -8.90 -20.01
CA LEU B 14 17.51 -9.68 -18.88
C LEU B 14 18.92 -9.27 -18.45
N GLU B 15 19.80 -9.05 -19.42
CA GLU B 15 21.16 -8.61 -19.11
C GLU B 15 21.16 -7.31 -18.31
N CYS B 16 20.35 -6.34 -18.72
CA CYS B 16 20.23 -5.08 -18.00
C CYS B 16 19.76 -5.26 -16.56
N VAL B 17 18.66 -5.96 -16.35
CA VAL B 17 18.08 -6.04 -15.01
C VAL B 17 18.95 -6.80 -14.02
N VAL B 18 19.57 -7.89 -14.49
CA VAL B 18 20.50 -8.67 -13.68
C VAL B 18 21.75 -7.85 -13.37
N LYS B 19 22.31 -7.21 -14.39
CA LYS B 19 23.46 -6.32 -14.20
C LYS B 19 23.17 -5.19 -13.20
N THR B 20 22.00 -4.59 -13.34
CA THR B 20 21.57 -3.50 -12.45
C THR B 20 21.39 -3.97 -11.00
N GLN B 21 20.74 -5.11 -10.78
CA GLN B 21 20.58 -5.63 -9.42
C GLN B 21 21.92 -5.90 -8.76
N SER B 22 22.83 -6.51 -9.51
CA SER B 22 24.11 -6.86 -8.97
C SER B 22 24.94 -5.58 -8.65
N SER B 23 24.90 -4.61 -9.57
CA SER B 23 25.58 -3.33 -9.34
C SER B 23 25.00 -2.58 -8.16
N VAL B 24 23.67 -2.63 -8.05
CA VAL B 24 22.94 -1.91 -7.01
C VAL B 24 23.23 -2.53 -5.62
N ALA B 25 23.37 -3.86 -5.56
CA ALA B 25 23.78 -4.53 -4.32
C ALA B 25 25.14 -4.01 -3.83
N LYS B 26 26.09 -3.87 -4.73
CA LYS B 26 27.40 -3.33 -4.39
C LYS B 26 27.35 -1.88 -3.94
N ILE B 27 26.56 -1.06 -4.62
CA ILE B 27 26.37 0.33 -4.22
C ILE B 27 25.72 0.38 -2.82
N LEU B 28 24.70 -0.43 -2.61
CA LEU B 28 24.07 -0.48 -1.29
C LEU B 28 25.10 -0.83 -0.21
N GLY B 29 25.96 -1.83 -0.49
CA GLY B 29 27.05 -2.20 0.40
C GLY B 29 27.94 -1.04 0.75
N ILE B 30 28.44 -0.32 -0.26
CA ILE B 30 29.34 0.80 -0.05
C ILE B 30 28.65 1.90 0.78
N GLU B 31 27.40 2.21 0.42
CA GLU B 31 26.59 3.21 1.11
C GLU B 31 26.35 2.88 2.58
N SER B 32 26.11 1.60 2.88
CA SER B 32 25.86 1.19 4.26
C SER B 32 27.09 1.42 5.14
N LEU B 33 28.26 1.53 4.52
CA LEU B 33 29.52 1.76 5.23
C LEU B 33 29.85 3.24 5.35
N SER B 34 29.02 4.08 4.73
CA SER B 34 29.30 5.51 4.70
C SER B 34 29.32 6.09 6.14
N PRO B 35 30.36 6.88 6.46
CA PRO B 35 30.54 7.41 7.82
C PRO B 35 29.30 8.15 8.31
N HIS B 36 28.64 8.89 7.42
CA HIS B 36 27.43 9.61 7.79
C HIS B 36 26.24 8.75 8.25
N VAL B 37 26.29 7.43 8.02
CA VAL B 37 25.26 6.55 8.62
C VAL B 37 25.81 5.52 9.61
N SER B 38 27.09 5.60 9.92
CA SER B 38 27.72 4.73 10.91
C SER B 38 26.96 4.72 12.23
N GLY B 39 26.71 3.52 12.73
CA GLY B 39 26.01 3.33 14.00
C GLY B 39 24.50 3.45 13.95
N ASN B 40 23.95 3.89 12.82
CA ASN B 40 22.50 3.86 12.62
C ASN B 40 22.08 2.52 12.03
N SER B 41 21.63 1.62 12.89
CA SER B 41 21.35 0.24 12.51
C SER B 41 20.24 0.07 11.47
N LYS B 42 19.42 1.09 11.27
CA LYS B 42 18.43 1.15 10.16
C LYS B 42 19.09 1.01 8.79
N PHE B 43 20.34 1.46 8.71
CA PHE B 43 21.08 1.45 7.47
C PHE B 43 22.20 0.44 7.51
N GLU B 44 22.13 -0.46 8.49
CA GLU B 44 23.07 -1.56 8.53
C GLU B 44 22.70 -2.57 7.44
N TYR B 45 23.72 -3.04 6.71
CA TYR B 45 23.50 -3.82 5.51
C TYR B 45 22.56 -5.02 5.70
N ALA B 46 22.86 -5.86 6.68
CA ALA B 46 22.03 -7.03 6.95
C ALA B 46 20.56 -6.64 7.20
N ASN B 47 20.34 -5.55 7.93
CA ASN B 47 18.99 -5.09 8.22
C ASN B 47 18.24 -4.67 6.96
N MET B 48 18.93 -3.99 6.06
CA MET B 48 18.32 -3.53 4.82
C MET B 48 18.03 -4.67 3.89
N VAL B 49 18.95 -5.64 3.81
CA VAL B 49 18.73 -6.82 2.99
C VAL B 49 17.52 -7.63 3.50
N GLU B 50 17.34 -7.66 4.81
CA GLU B 50 16.19 -8.35 5.38
C GLU B 50 14.89 -7.70 4.91
N ASP B 51 14.82 -6.37 5.03
CA ASP B 51 13.66 -5.60 4.58
C ASP B 51 13.39 -5.80 3.09
N ILE B 52 14.44 -5.71 2.28
CA ILE B 52 14.34 -5.86 0.84
C ILE B 52 13.80 -7.25 0.47
N ARG B 53 14.32 -8.31 1.09
CA ARG B 53 13.85 -9.66 0.78
C ARG B 53 12.40 -9.85 1.14
N GLU B 54 11.99 -9.22 2.25
CA GLU B 54 10.60 -9.24 2.69
C GLU B 54 9.67 -8.61 1.64
N LYS B 55 10.08 -7.46 1.11
CA LYS B 55 9.33 -6.78 0.05
C LYS B 55 9.27 -7.61 -1.24
N VAL B 56 10.38 -8.23 -1.62
CA VAL B 56 10.42 -9.10 -2.79
C VAL B 56 9.50 -10.31 -2.63
N SER B 57 9.59 -10.99 -1.48
CA SER B 57 8.69 -12.13 -1.15
C SER B 57 7.23 -11.80 -1.38
N SER B 58 6.78 -10.64 -0.89
CA SER B 58 5.37 -10.31 -0.92
C SER B 58 4.90 -9.97 -2.33
N GLU B 59 5.79 -9.39 -3.14
CA GLU B 59 5.49 -9.13 -4.55
C GLU B 59 5.57 -10.40 -5.40
N MET B 60 6.50 -11.30 -5.09
CA MET B 60 6.61 -12.59 -5.78
C MET B 60 5.43 -13.51 -5.51
N GLU B 61 5.04 -13.62 -4.23
CA GLU B 61 3.97 -14.51 -3.80
C GLU B 61 2.66 -14.16 -4.50
N ARG B 62 2.55 -12.89 -4.91
CA ARG B 62 1.40 -12.33 -5.59
C ARG B 62 1.25 -12.91 -7.02
N PHE B 63 2.36 -13.05 -7.74
CA PHE B 63 2.32 -13.54 -9.13
C PHE B 63 2.77 -14.99 -9.31
N PHE B 64 3.50 -15.54 -8.34
CA PHE B 64 4.00 -16.91 -8.41
C PHE B 64 3.88 -17.61 -7.04
N PRO B 65 2.65 -17.90 -6.59
CA PRO B 65 2.46 -18.57 -5.29
C PRO B 65 3.49 -19.67 -5.00
N ALA C 3 -6.62 1.52 -24.12
CA ALA C 3 -5.38 2.32 -24.33
C ALA C 3 -4.12 1.60 -23.80
N PHE C 4 -3.85 0.40 -24.34
CA PHE C 4 -2.60 -0.32 -24.06
C PHE C 4 -1.93 -0.91 -25.31
N ASN C 5 -0.88 -0.22 -25.74
CA ASN C 5 -0.09 -0.52 -26.93
C ASN C 5 1.21 -1.21 -26.53
N GLN C 6 1.40 -2.44 -27.01
CA GLN C 6 2.54 -3.28 -26.66
C GLN C 6 3.89 -2.71 -27.13
N THR C 7 3.89 -2.11 -28.31
CA THR C 7 5.09 -1.50 -28.90
C THR C 7 5.61 -0.35 -28.03
N GLU C 8 4.70 0.55 -27.65
CA GLU C 8 5.04 1.69 -26.79
C GLU C 8 5.51 1.24 -25.42
N PHE C 9 4.87 0.19 -24.91
CA PHE C 9 5.24 -0.40 -23.62
C PHE C 9 6.67 -0.91 -23.68
N ASN C 10 6.99 -1.64 -24.75
CA ASN C 10 8.35 -2.13 -24.97
C ASN C 10 9.40 -1.02 -25.08
N LYS C 11 9.05 0.07 -25.76
CA LYS C 11 9.94 1.23 -25.90
C LYS C 11 10.29 1.86 -24.55
N LEU C 12 9.26 2.15 -23.76
CA LEU C 12 9.46 2.72 -22.44
C LEU C 12 10.25 1.74 -21.57
N LEU C 13 9.83 0.47 -21.57
CA LEU C 13 10.50 -0.56 -20.77
C LEU C 13 12.00 -0.63 -21.11
N LEU C 14 12.32 -0.72 -22.40
CA LEU C 14 13.72 -0.78 -22.81
C LEU C 14 14.49 0.50 -22.47
N GLU C 15 13.89 1.66 -22.74
CA GLU C 15 14.54 2.92 -22.40
C GLU C 15 14.90 2.99 -20.92
N CYS C 16 13.97 2.60 -20.06
CA CYS C 16 14.19 2.62 -18.62
C CYS C 16 15.33 1.73 -18.18
N VAL C 17 15.32 0.47 -18.60
CA VAL C 17 16.32 -0.48 -18.11
C VAL C 17 17.73 -0.19 -18.63
N VAL C 18 17.83 0.25 -19.89
CA VAL C 18 19.11 0.66 -20.47
C VAL C 18 19.60 1.93 -19.77
N LYS C 19 18.72 2.92 -19.60
CA LYS C 19 19.07 4.15 -18.94
C LYS C 19 19.54 3.90 -17.51
N THR C 20 18.82 3.03 -16.82
CA THR C 20 19.16 2.68 -15.45
C THR C 20 20.52 1.96 -15.35
N GLN C 21 20.76 0.98 -16.22
CA GLN C 21 22.03 0.28 -16.20
C GLN C 21 23.21 1.23 -16.41
N SER C 22 23.04 2.15 -17.35
CA SER C 22 24.07 3.08 -17.70
C SER C 22 24.31 4.02 -16.52
N SER C 23 23.23 4.51 -15.91
CA SER C 23 23.32 5.43 -14.77
C SER C 23 23.94 4.77 -13.55
N VAL C 24 23.56 3.51 -13.33
CA VAL C 24 24.05 2.73 -12.20
C VAL C 24 25.55 2.40 -12.36
N ALA C 25 26.00 2.20 -13.59
CA ALA C 25 27.43 2.00 -13.85
C ALA C 25 28.22 3.22 -13.39
N LYS C 26 27.70 4.41 -13.71
CA LYS C 26 28.32 5.67 -13.29
C LYS C 26 28.33 5.82 -11.76
N ILE C 27 27.20 5.51 -11.12
CA ILE C 27 27.12 5.58 -9.66
C ILE C 27 28.11 4.59 -9.03
N LEU C 28 28.20 3.38 -9.59
CA LEU C 28 29.17 2.41 -9.10
C LEU C 28 30.61 2.95 -9.20
N GLY C 29 30.92 3.57 -10.34
CA GLY C 29 32.22 4.22 -10.55
C GLY C 29 32.55 5.23 -9.48
N ILE C 30 31.63 6.17 -9.25
CA ILE C 30 31.80 7.20 -8.21
C ILE C 30 31.98 6.58 -6.83
N GLU C 31 31.10 5.63 -6.48
CA GLU C 31 31.16 4.94 -5.20
C GLU C 31 32.45 4.18 -4.97
N SER C 32 32.99 3.55 -6.02
CA SER C 32 34.26 2.83 -5.92
C SER C 32 35.41 3.74 -5.51
N LEU C 33 35.25 5.03 -5.80
CA LEU C 33 36.27 6.05 -5.51
C LEU C 33 36.09 6.66 -4.12
N SER C 34 34.99 6.31 -3.45
CA SER C 34 34.67 6.89 -2.15
C SER C 34 35.81 6.66 -1.15
N PRO C 35 36.17 7.70 -0.38
CA PRO C 35 37.27 7.64 0.60
C PRO C 35 37.13 6.48 1.60
N HIS C 36 35.94 6.27 2.13
CA HIS C 36 35.71 5.25 3.16
C HIS C 36 35.91 3.80 2.72
N VAL C 37 35.88 3.54 1.40
CA VAL C 37 36.15 2.18 0.88
C VAL C 37 37.45 1.98 0.06
N SER C 38 38.23 3.03 -0.10
CA SER C 38 39.57 2.87 -0.68
C SER C 38 40.41 1.99 0.24
N GLY C 39 41.26 1.15 -0.35
CA GLY C 39 42.11 0.26 0.44
C GLY C 39 41.37 -1.02 0.78
N ASN C 40 40.13 -1.10 0.34
CA ASN C 40 39.33 -2.31 0.41
C ASN C 40 39.14 -2.85 -0.99
N SER C 41 39.59 -4.07 -1.22
CA SER C 41 39.66 -4.63 -2.57
C SER C 41 38.34 -5.25 -3.00
N LYS C 42 37.47 -5.51 -2.03
CA LYS C 42 36.13 -5.95 -2.36
C LYS C 42 35.39 -4.85 -3.13
N PHE C 43 35.84 -3.60 -2.99
CA PHE C 43 35.11 -2.47 -3.54
C PHE C 43 35.81 -1.70 -4.64
N GLU C 44 36.90 -2.23 -5.15
CA GLU C 44 37.59 -1.66 -6.28
C GLU C 44 36.80 -1.93 -7.56
N TYR C 45 36.71 -0.91 -8.41
CA TYR C 45 35.82 -0.94 -9.56
C TYR C 45 35.99 -2.16 -10.43
N ALA C 46 37.22 -2.43 -10.85
CA ALA C 46 37.49 -3.58 -11.70
C ALA C 46 37.01 -4.88 -11.05
N ASN C 47 37.28 -5.03 -9.76
CA ASN C 47 36.87 -6.22 -9.02
C ASN C 47 35.36 -6.40 -8.98
N MET C 48 34.64 -5.31 -8.79
CA MET C 48 33.19 -5.36 -8.72
C MET C 48 32.61 -5.67 -10.10
N VAL C 49 33.17 -5.05 -11.13
CA VAL C 49 32.75 -5.33 -12.50
C VAL C 49 32.94 -6.81 -12.87
N GLU C 50 34.03 -7.38 -12.40
CA GLU C 50 34.32 -8.79 -12.61
C GLU C 50 33.19 -9.63 -12.01
N ASP C 51 32.88 -9.36 -10.75
CA ASP C 51 31.90 -10.11 -10.01
C ASP C 51 30.53 -10.04 -10.68
N ILE C 52 30.16 -8.83 -11.09
CA ILE C 52 28.90 -8.54 -11.74
C ILE C 52 28.77 -9.30 -13.06
N ARG C 53 29.82 -9.25 -13.87
CA ARG C 53 29.80 -9.94 -15.17
C ARG C 53 29.63 -11.44 -14.99
N GLU C 54 30.29 -12.00 -13.96
CA GLU C 54 30.14 -13.42 -13.63
C GLU C 54 28.69 -13.76 -13.25
N LYS C 55 28.06 -12.89 -12.47
CA LYS C 55 26.65 -13.07 -12.09
C LYS C 55 25.71 -13.04 -13.32
N VAL C 56 25.95 -12.10 -14.22
CA VAL C 56 25.17 -11.96 -15.46
C VAL C 56 25.33 -13.20 -16.33
N SER C 57 26.57 -13.63 -16.54
CA SER C 57 26.87 -14.84 -17.30
C SER C 57 26.04 -16.04 -16.88
N SER C 58 25.98 -16.28 -15.57
CA SER C 58 25.35 -17.48 -15.04
C SER C 58 23.83 -17.39 -15.17
N GLU C 59 23.29 -16.19 -15.11
CA GLU C 59 21.86 -16.00 -15.31
C GLU C 59 21.49 -16.05 -16.79
N MET C 60 22.35 -15.49 -17.65
CA MET C 60 22.14 -15.52 -19.09
C MET C 60 22.23 -16.94 -19.67
N GLU C 61 23.27 -17.67 -19.27
CA GLU C 61 23.51 -19.04 -19.77
C GLU C 61 22.32 -19.96 -19.47
N ARG C 62 21.58 -19.65 -18.42
CA ARG C 62 20.36 -20.34 -18.02
C ARG C 62 19.25 -20.19 -19.05
N PHE C 63 19.18 -19.03 -19.68
CA PHE C 63 18.05 -18.70 -20.55
C PHE C 63 18.41 -18.68 -22.02
N PHE C 64 19.74 -18.46 -22.28
CA PHE C 64 20.21 -18.29 -23.65
C PHE C 64 21.58 -18.97 -23.86
N PRO C 65 21.57 -20.28 -24.13
CA PRO C 65 22.82 -21.03 -24.28
C PRO C 65 23.33 -21.04 -25.72
N ALA D 3 15.50 -24.80 -23.15
CA ALA D 3 15.86 -23.70 -24.10
C ALA D 3 15.47 -22.33 -23.51
N PHE D 4 14.15 -22.06 -23.50
CA PHE D 4 13.61 -20.82 -22.94
C PHE D 4 12.19 -21.06 -22.42
N ASN D 5 12.04 -20.84 -21.12
CA ASN D 5 10.77 -20.92 -20.41
C ASN D 5 10.32 -19.53 -19.99
N GLN D 6 9.15 -19.12 -20.48
CA GLN D 6 8.64 -17.76 -20.27
C GLN D 6 8.26 -17.50 -18.81
N THR D 7 7.78 -18.51 -18.12
CA THR D 7 7.41 -18.38 -16.70
C THR D 7 8.64 -18.09 -15.84
N GLU D 8 9.71 -18.88 -16.04
CA GLU D 8 10.95 -18.66 -15.30
C GLU D 8 11.59 -17.31 -15.62
N PHE D 9 11.48 -16.89 -16.88
CA PHE D 9 11.96 -15.59 -17.32
C PHE D 9 11.24 -14.49 -16.57
N ASN D 10 9.91 -14.58 -16.51
CA ASN D 10 9.10 -13.62 -15.78
C ASN D 10 9.40 -13.58 -14.29
N LYS D 11 9.70 -14.74 -13.70
CA LYS D 11 10.07 -14.80 -12.28
C LYS D 11 11.37 -14.04 -12.01
N LEU D 12 12.41 -14.34 -12.77
CA LEU D 12 13.68 -13.65 -12.61
C LEU D 12 13.51 -12.16 -12.90
N LEU D 13 12.84 -11.83 -14.00
CA LEU D 13 12.57 -10.44 -14.37
C LEU D 13 11.92 -9.67 -13.21
N LEU D 14 10.82 -10.22 -12.69
CA LEU D 14 10.14 -9.62 -11.57
C LEU D 14 11.03 -9.48 -10.33
N GLU D 15 11.72 -10.56 -9.96
CA GLU D 15 12.56 -10.54 -8.79
C GLU D 15 13.60 -9.43 -8.88
N CYS D 16 14.25 -9.29 -10.02
CA CYS D 16 15.23 -8.25 -10.23
C CYS D 16 14.67 -6.85 -10.08
N VAL D 17 13.57 -6.54 -10.77
CA VAL D 17 13.07 -5.17 -10.77
C VAL D 17 12.49 -4.73 -9.42
N VAL D 18 11.84 -5.66 -8.72
CA VAL D 18 11.35 -5.41 -7.36
C VAL D 18 12.52 -5.27 -6.39
N LYS D 19 13.50 -6.16 -6.48
CA LYS D 19 14.71 -6.09 -5.64
C LYS D 19 15.47 -4.77 -5.85
N THR D 20 15.61 -4.38 -7.11
CA THR D 20 16.31 -3.15 -7.46
C THR D 20 15.56 -1.90 -6.95
N GLN D 21 14.24 -1.83 -7.14
CA GLN D 21 13.47 -0.68 -6.64
C GLN D 21 13.60 -0.53 -5.13
N SER D 22 13.52 -1.66 -4.42
CA SER D 22 13.62 -1.63 -2.99
C SER D 22 15.03 -1.22 -2.54
N SER D 23 16.05 -1.74 -3.23
CA SER D 23 17.44 -1.41 -2.91
C SER D 23 17.76 0.04 -3.17
N VAL D 24 17.25 0.53 -4.30
CA VAL D 24 17.43 1.89 -4.74
C VAL D 24 16.72 2.88 -3.81
N ALA D 25 15.56 2.51 -3.27
CA ALA D 25 14.88 3.34 -2.25
C ALA D 25 15.81 3.57 -1.06
N LYS D 26 16.48 2.51 -0.61
CA LYS D 26 17.38 2.62 0.51
C LYS D 26 18.61 3.45 0.21
N ILE D 27 19.19 3.26 -0.97
CA ILE D 27 20.32 4.09 -1.41
C ILE D 27 19.89 5.56 -1.49
N LEU D 28 18.72 5.82 -2.05
CA LEU D 28 18.17 7.18 -2.08
C LEU D 28 18.08 7.78 -0.68
N GLY D 29 17.60 6.99 0.27
CA GLY D 29 17.51 7.38 1.68
C GLY D 29 18.85 7.79 2.26
N ILE D 30 19.84 6.91 2.12
CA ILE D 30 21.19 7.18 2.62
C ILE D 30 21.77 8.43 1.96
N GLU D 31 21.61 8.53 0.64
CA GLU D 31 22.14 9.67 -0.13
C GLU D 31 21.53 11.00 0.28
N SER D 32 20.23 11.00 0.59
CA SER D 32 19.55 12.24 1.02
C SER D 32 20.09 12.76 2.34
N LEU D 33 20.76 11.88 3.09
CA LEU D 33 21.30 12.21 4.41
C LEU D 33 22.75 12.67 4.31
N SER D 34 23.27 12.61 3.11
CA SER D 34 24.67 12.88 2.86
C SER D 34 25.05 14.32 3.23
N PRO D 35 26.18 14.47 3.96
CA PRO D 35 26.70 15.77 4.38
C PRO D 35 26.71 16.81 3.27
N HIS D 36 27.22 16.44 2.10
CA HIS D 36 27.36 17.39 1.01
C HIS D 36 26.05 17.92 0.43
N VAL D 37 24.91 17.40 0.88
CA VAL D 37 23.61 17.96 0.48
C VAL D 37 22.70 18.32 1.66
N SER D 38 23.28 18.45 2.86
CA SER D 38 22.50 18.89 4.01
C SER D 38 21.95 20.30 3.78
N GLY D 39 20.67 20.48 4.07
CA GLY D 39 20.02 21.77 3.82
C GLY D 39 19.82 22.15 2.35
N ASN D 40 20.21 21.28 1.42
CA ASN D 40 19.70 21.37 0.05
C ASN D 40 18.40 20.56 0.04
N SER D 41 17.29 21.26 -0.10
CA SER D 41 15.98 20.64 0.10
C SER D 41 15.45 19.99 -1.18
N LYS D 42 16.12 20.26 -2.30
CA LYS D 42 15.89 19.51 -3.54
C LYS D 42 16.17 18.01 -3.29
N PHE D 43 17.06 17.73 -2.34
CA PHE D 43 17.52 16.38 -2.06
C PHE D 43 17.10 15.88 -0.68
N GLU D 44 16.06 16.51 -0.13
CA GLU D 44 15.37 16.01 1.06
C GLU D 44 14.48 14.85 0.58
N TYR D 45 14.50 13.75 1.33
CA TYR D 45 13.91 12.50 0.89
C TYR D 45 12.45 12.63 0.51
N ALA D 46 11.66 13.26 1.36
CA ALA D 46 10.23 13.41 1.09
C ALA D 46 9.99 14.15 -0.22
N ASN D 47 10.77 15.20 -0.45
CA ASN D 47 10.68 16.00 -1.67
C ASN D 47 11.00 15.16 -2.91
N MET D 48 12.02 14.32 -2.82
CA MET D 48 12.42 13.54 -3.97
C MET D 48 11.40 12.44 -4.27
N VAL D 49 10.89 11.82 -3.22
CA VAL D 49 9.82 10.84 -3.35
C VAL D 49 8.56 11.44 -3.99
N GLU D 50 8.25 12.68 -3.62
CA GLU D 50 7.12 13.37 -4.25
C GLU D 50 7.33 13.50 -5.75
N ASP D 51 8.52 13.97 -6.14
CA ASP D 51 8.81 14.16 -7.56
C ASP D 51 8.83 12.87 -8.34
N ILE D 52 9.42 11.83 -7.75
CA ILE D 52 9.44 10.50 -8.36
C ILE D 52 8.03 9.97 -8.58
N ARG D 53 7.16 10.04 -7.57
CA ARG D 53 5.78 9.54 -7.69
C ARG D 53 5.00 10.28 -8.78
N GLU D 54 5.22 11.58 -8.90
CA GLU D 54 4.65 12.39 -9.97
C GLU D 54 5.09 11.88 -11.34
N LYS D 55 6.38 11.57 -11.48
CA LYS D 55 6.92 11.05 -12.73
C LYS D 55 6.33 9.68 -13.09
N VAL D 56 6.21 8.80 -12.09
CA VAL D 56 5.62 7.49 -12.28
C VAL D 56 4.15 7.60 -12.71
N SER D 57 3.38 8.43 -11.99
CA SER D 57 1.99 8.70 -12.33
C SER D 57 1.77 9.05 -13.79
N SER D 58 2.59 9.96 -14.31
CA SER D 58 2.37 10.46 -15.66
C SER D 58 2.76 9.43 -16.72
N GLU D 59 3.73 8.57 -16.40
CA GLU D 59 4.10 7.48 -17.30
C GLU D 59 3.11 6.31 -17.23
N MET D 60 2.57 6.05 -16.04
CA MET D 60 1.57 4.98 -15.86
C MET D 60 0.23 5.34 -16.50
N GLU D 61 -0.22 6.58 -16.28
CA GLU D 61 -1.48 7.10 -16.84
C GLU D 61 -1.55 6.96 -18.36
N ARG D 62 -0.38 7.03 -18.98
CA ARG D 62 -0.21 6.84 -20.41
C ARG D 62 -0.63 5.45 -20.89
N PHE D 63 -0.43 4.42 -20.07
CA PHE D 63 -0.83 3.04 -20.44
C PHE D 63 -2.02 2.48 -19.66
N PHE D 64 -2.31 3.07 -18.50
CA PHE D 64 -3.33 2.52 -17.60
C PHE D 64 -4.34 3.58 -17.10
N PRO D 65 -5.16 4.12 -18.04
CA PRO D 65 -5.97 5.30 -17.76
C PRO D 65 -7.21 4.97 -16.95
N ALA E 3 -7.55 26.56 13.10
CA ALA E 3 -6.89 25.53 13.94
C ALA E 3 -7.74 24.26 14.02
N PHE E 4 -7.14 23.21 14.60
CA PHE E 4 -7.79 21.91 14.80
C PHE E 4 -8.45 21.88 16.18
N ASN E 5 -9.78 21.94 16.19
CA ASN E 5 -10.54 21.90 17.44
C ASN E 5 -10.73 20.46 17.92
N GLN E 6 -10.10 20.14 19.06
CA GLN E 6 -10.11 18.78 19.61
C GLN E 6 -11.49 18.35 20.10
N THR E 7 -12.24 19.29 20.68
CA THR E 7 -13.60 19.03 21.16
C THR E 7 -14.54 18.64 20.01
N GLU E 8 -14.51 19.41 18.92
CA GLU E 8 -15.30 19.13 17.73
C GLU E 8 -14.92 17.79 17.09
N PHE E 9 -13.62 17.51 17.08
CA PHE E 9 -13.09 16.24 16.57
C PHE E 9 -13.65 15.08 17.36
N ASN E 10 -13.58 15.17 18.69
CA ASN E 10 -14.14 14.16 19.58
C ASN E 10 -15.65 13.95 19.36
N LYS E 11 -16.38 15.05 19.14
CA LYS E 11 -17.83 14.98 18.89
C LYS E 11 -18.14 14.17 17.64
N LEU E 12 -17.48 14.52 16.54
CA LEU E 12 -17.68 13.84 15.28
C LEU E 12 -17.25 12.38 15.41
N LEU E 13 -16.06 12.18 15.99
CA LEU E 13 -15.52 10.85 16.24
C LEU E 13 -16.54 9.97 16.99
N LEU E 14 -17.03 10.45 18.12
CA LEU E 14 -17.97 9.67 18.91
C LEU E 14 -19.30 9.44 18.21
N GLU E 15 -19.83 10.47 17.56
CA GLU E 15 -21.06 10.34 16.79
C GLU E 15 -20.94 9.23 15.73
N CYS E 16 -19.83 9.22 15.01
CA CYS E 16 -19.61 8.21 13.97
C CYS E 16 -19.57 6.79 14.53
N VAL E 17 -18.77 6.57 15.55
CA VAL E 17 -18.59 5.20 16.04
C VAL E 17 -19.83 4.61 16.71
N VAL E 18 -20.55 5.44 17.46
CA VAL E 18 -21.81 5.04 18.09
C VAL E 18 -22.88 4.78 17.02
N LYS E 19 -22.98 5.67 16.05
CA LYS E 19 -23.92 5.55 14.94
C LYS E 19 -23.65 4.26 14.15
N THR E 20 -22.37 4.00 13.89
CA THR E 20 -21.95 2.82 13.12
C THR E 20 -22.22 1.53 13.89
N GLN E 21 -21.91 1.49 15.18
CA GLN E 21 -22.23 0.30 15.98
C GLN E 21 -23.73 0.01 16.02
N SER E 22 -24.53 1.06 16.19
CA SER E 22 -25.98 0.87 16.23
C SER E 22 -26.51 0.41 14.87
N SER E 23 -25.98 0.99 13.79
CA SER E 23 -26.37 0.63 12.43
C SER E 23 -25.98 -0.80 12.09
N VAL E 24 -24.76 -1.17 12.49
CA VAL E 24 -24.25 -2.51 12.24
C VAL E 24 -25.00 -3.59 13.03
N ALA E 25 -25.43 -3.26 14.26
CA ALA E 25 -26.28 -4.17 15.02
C ALA E 25 -27.54 -4.53 14.23
N LYS E 26 -28.16 -3.53 13.61
CA LYS E 26 -29.36 -3.75 12.81
C LYS E 26 -29.09 -4.54 11.54
N ILE E 27 -27.96 -4.25 10.88
CA ILE E 27 -27.54 -5.03 9.71
C ILE E 27 -27.32 -6.49 10.08
N LEU E 28 -26.63 -6.69 11.20
CA LEU E 28 -26.40 -8.04 11.73
C LEU E 28 -27.73 -8.78 11.96
N GLY E 29 -28.70 -8.07 12.55
CA GLY E 29 -30.05 -8.59 12.77
C GLY E 29 -30.71 -9.07 11.50
N ILE E 30 -30.74 -8.20 10.50
CA ILE E 30 -31.34 -8.53 9.19
C ILE E 30 -30.62 -9.71 8.54
N GLU E 31 -29.28 -9.70 8.56
CA GLU E 31 -28.49 -10.77 7.96
C GLU E 31 -28.71 -12.12 8.63
N SER E 32 -28.90 -12.10 9.95
CA SER E 32 -29.13 -13.32 10.72
C SER E 32 -30.41 -14.03 10.27
N LEU E 33 -31.33 -13.24 9.71
CA LEU E 33 -32.61 -13.74 9.26
C LEU E 33 -32.59 -14.15 7.80
N SER E 34 -31.46 -13.91 7.14
CA SER E 34 -31.34 -14.20 5.72
C SER E 34 -31.61 -15.67 5.44
N PRO E 35 -32.41 -15.96 4.39
CA PRO E 35 -32.89 -17.31 4.18
C PRO E 35 -31.74 -18.28 3.96
N HIS E 36 -30.68 -17.83 3.29
CA HIS E 36 -29.55 -18.70 2.97
C HIS E 36 -28.69 -19.13 4.17
N VAL E 37 -28.88 -18.50 5.33
CA VAL E 37 -28.15 -18.92 6.53
C VAL E 37 -29.09 -19.39 7.62
N SER E 38 -30.37 -19.51 7.27
CA SER E 38 -31.37 -20.07 8.18
C SER E 38 -31.03 -21.52 8.49
N GLY E 39 -31.31 -21.94 9.72
CA GLY E 39 -31.01 -23.30 10.15
C GLY E 39 -29.53 -23.56 10.28
N ASN E 40 -28.77 -22.49 10.52
CA ASN E 40 -27.36 -22.61 10.81
C ASN E 40 -27.05 -21.93 12.14
N SER E 41 -26.85 -22.73 13.18
CA SER E 41 -26.62 -22.22 14.54
C SER E 41 -25.39 -21.30 14.65
N LYS E 42 -24.56 -21.28 13.62
CA LYS E 42 -23.39 -20.41 13.57
C LYS E 42 -23.85 -18.96 13.40
N PHE E 43 -24.93 -18.78 12.64
CA PHE E 43 -25.41 -17.44 12.29
C PHE E 43 -26.75 -17.09 12.91
N GLU E 44 -27.01 -17.66 14.09
CA GLU E 44 -28.16 -17.29 14.91
C GLU E 44 -27.78 -16.05 15.70
N TYR E 45 -28.67 -15.06 15.73
CA TYR E 45 -28.39 -13.75 16.31
C TYR E 45 -27.83 -13.81 17.73
N ALA E 46 -28.52 -14.52 18.62
CA ALA E 46 -28.11 -14.65 20.01
C ALA E 46 -26.71 -15.23 20.12
N ASN E 47 -26.43 -16.26 19.33
CA ASN E 47 -25.11 -16.90 19.31
C ASN E 47 -24.00 -15.95 18.87
N MET E 48 -24.26 -15.15 17.84
CA MET E 48 -23.28 -14.21 17.35
C MET E 48 -23.03 -13.08 18.35
N VAL E 49 -24.12 -12.60 18.96
CA VAL E 49 -24.04 -11.59 20.01
C VAL E 49 -23.18 -12.06 21.18
N GLU E 50 -23.33 -13.33 21.55
CA GLU E 50 -22.52 -13.88 22.62
C GLU E 50 -21.03 -13.85 22.24
N ASP E 51 -20.72 -14.31 21.03
CA ASP E 51 -19.35 -14.34 20.52
C ASP E 51 -18.73 -12.95 20.52
N ILE E 52 -19.48 -11.99 20.01
CA ILE E 52 -19.07 -10.60 19.92
C ILE E 52 -18.74 -10.02 21.29
N ARG E 53 -19.66 -10.19 22.25
CA ARG E 53 -19.48 -9.68 23.61
C ARG E 53 -18.24 -10.26 24.29
N GLU E 54 -17.99 -11.54 24.05
CA GLU E 54 -16.78 -12.21 24.53
C GLU E 54 -15.50 -11.57 23.97
N LYS E 55 -15.50 -11.28 22.68
CA LYS E 55 -14.36 -10.62 22.05
C LYS E 55 -14.14 -9.22 22.60
N VAL E 56 -15.22 -8.46 22.77
CA VAL E 56 -15.16 -7.12 23.35
C VAL E 56 -14.59 -7.17 24.78
N SER E 57 -15.13 -8.05 25.61
CA SER E 57 -14.64 -8.25 26.98
C SER E 57 -13.12 -8.41 27.08
N SER E 58 -12.57 -9.28 26.24
CA SER E 58 -11.15 -9.60 26.31
C SER E 58 -10.27 -8.46 25.80
N GLU E 59 -10.79 -7.67 24.87
CA GLU E 59 -10.09 -6.48 24.41
C GLU E 59 -10.20 -5.32 25.41
N MET E 60 -11.35 -5.18 26.05
CA MET E 60 -11.56 -4.14 27.05
C MET E 60 -10.78 -4.40 28.35
N GLU E 61 -10.80 -5.64 28.82
CA GLU E 61 -10.09 -6.05 30.04
C GLU E 61 -8.58 -5.75 29.95
N ARG E 62 -8.08 -5.74 28.71
CA ARG E 62 -6.70 -5.42 28.39
C ARG E 62 -6.32 -3.98 28.76
N PHE E 63 -7.24 -3.04 28.57
CA PHE E 63 -6.97 -1.62 28.83
C PHE E 63 -7.64 -1.08 30.09
N PHE E 64 -8.72 -1.74 30.51
CA PHE E 64 -9.56 -1.23 31.59
C PHE E 64 -9.85 -2.25 32.71
N PRO E 65 -8.89 -2.44 33.64
CA PRO E 65 -9.12 -3.29 34.81
C PRO E 65 -10.05 -2.62 35.84
N ALA F 3 -0.70 -0.05 34.18
CA ALA F 3 -0.82 1.30 33.56
C ALA F 3 -1.52 1.22 32.20
N PHE F 4 -2.56 2.04 32.03
CA PHE F 4 -3.18 2.21 30.72
C PHE F 4 -2.12 2.75 29.76
N ASN F 5 -1.96 2.07 28.64
CA ASN F 5 -0.93 2.42 27.68
C ASN F 5 -1.54 3.04 26.44
N GLN F 6 -1.20 4.30 26.19
CA GLN F 6 -1.78 5.06 25.07
C GLN F 6 -1.33 4.55 23.70
N THR F 7 -0.09 4.07 23.61
CA THR F 7 0.44 3.51 22.36
C THR F 7 -0.33 2.25 21.94
N GLU F 8 -0.51 1.32 22.89
CA GLU F 8 -1.27 0.09 22.62
C GLU F 8 -2.72 0.39 22.28
N PHE F 9 -3.29 1.40 22.96
CA PHE F 9 -4.66 1.85 22.70
C PHE F 9 -4.78 2.33 21.27
N ASN F 10 -3.85 3.18 20.84
CA ASN F 10 -3.81 3.66 19.46
C ASN F 10 -3.65 2.54 18.42
N LYS F 11 -2.82 1.54 18.74
CA LYS F 11 -2.63 0.38 17.87
C LYS F 11 -3.93 -0.37 17.64
N LEU F 12 -4.61 -0.73 18.73
CA LEU F 12 -5.88 -1.43 18.64
C LEU F 12 -6.93 -0.58 17.94
N LEU F 13 -7.03 0.68 18.34
CA LEU F 13 -7.98 1.61 17.73
C LEU F 13 -7.79 1.71 16.22
N LEU F 14 -6.55 1.91 15.78
CA LEU F 14 -6.27 1.99 14.34
C LEU F 14 -6.52 0.66 13.62
N GLU F 15 -6.09 -0.45 14.21
CA GLU F 15 -6.33 -1.77 13.63
C GLU F 15 -7.83 -2.01 13.37
N CYS F 16 -8.66 -1.64 14.34
CA CYS F 16 -10.10 -1.84 14.24
C CYS F 16 -10.72 -1.01 13.14
N VAL F 17 -10.40 0.28 13.08
CA VAL F 17 -11.08 1.13 12.13
C VAL F 17 -10.65 0.90 10.68
N VAL F 18 -9.36 0.60 10.48
CA VAL F 18 -8.87 0.21 9.15
C VAL F 18 -9.49 -1.14 8.72
N LYS F 19 -9.52 -2.10 9.65
CA LYS F 19 -10.06 -3.41 9.36
C LYS F 19 -11.54 -3.32 9.01
N THR F 20 -12.27 -2.51 9.77
CA THR F 20 -13.68 -2.30 9.56
C THR F 20 -13.94 -1.63 8.22
N GLN F 21 -13.21 -0.56 7.90
CA GLN F 21 -13.39 0.12 6.61
C GLN F 21 -13.19 -0.83 5.43
N SER F 22 -12.13 -1.62 5.52
CA SER F 22 -11.82 -2.55 4.46
C SER F 22 -12.92 -3.64 4.35
N SER F 23 -13.37 -4.14 5.50
CA SER F 23 -14.40 -5.17 5.54
C SER F 23 -15.73 -4.65 4.99
N VAL F 24 -16.04 -3.42 5.35
CA VAL F 24 -17.28 -2.78 4.98
C VAL F 24 -17.30 -2.46 3.48
N ALA F 25 -16.15 -2.12 2.91
CA ALA F 25 -16.01 -1.90 1.47
C ALA F 25 -16.41 -3.19 0.72
N LYS F 26 -15.95 -4.33 1.21
CA LYS F 26 -16.31 -5.60 0.59
C LYS F 26 -17.79 -5.94 0.75
N ILE F 27 -18.35 -5.69 1.93
CA ILE F 27 -19.79 -5.88 2.15
C ILE F 27 -20.58 -4.98 1.20
N LEU F 28 -20.17 -3.72 1.10
CA LEU F 28 -20.79 -2.79 0.15
C LEU F 28 -20.79 -3.37 -1.27
N GLY F 29 -19.65 -3.88 -1.70
CA GLY F 29 -19.49 -4.52 -2.99
C GLY F 29 -20.49 -5.63 -3.21
N ILE F 30 -20.53 -6.58 -2.28
CA ILE F 30 -21.47 -7.70 -2.36
C ILE F 30 -22.92 -7.21 -2.40
N GLU F 31 -23.27 -6.27 -1.53
CA GLU F 31 -24.64 -5.75 -1.47
C GLU F 31 -25.05 -5.03 -2.74
N SER F 32 -24.12 -4.29 -3.36
CA SER F 32 -24.42 -3.60 -4.61
C SER F 32 -24.79 -4.56 -5.75
N LEU F 33 -24.39 -5.82 -5.62
CA LEU F 33 -24.66 -6.84 -6.63
C LEU F 33 -25.91 -7.65 -6.30
N SER F 34 -26.52 -7.36 -5.15
CA SER F 34 -27.71 -8.10 -4.72
C SER F 34 -28.86 -7.95 -5.73
N PRO F 35 -29.51 -9.08 -6.09
CA PRO F 35 -30.60 -9.08 -7.06
C PRO F 35 -31.63 -7.96 -6.87
N HIS F 36 -32.04 -7.72 -5.63
CA HIS F 36 -33.17 -6.83 -5.35
C HIS F 36 -32.94 -5.32 -5.56
N VAL F 37 -31.72 -4.92 -5.93
CA VAL F 37 -31.45 -3.50 -6.22
C VAL F 37 -31.11 -3.23 -7.68
N SER F 38 -30.22 -4.04 -8.23
CA SER F 38 -29.63 -3.83 -9.58
C SER F 38 -30.30 -2.79 -10.50
N GLY F 39 -29.48 -1.94 -11.12
CA GLY F 39 -29.98 -0.94 -12.10
C GLY F 39 -30.59 0.31 -11.48
N ASN F 40 -30.76 0.27 -10.16
CA ASN F 40 -31.03 1.45 -9.36
C ASN F 40 -29.71 2.17 -9.20
N SER F 41 -29.38 3.08 -10.11
CA SER F 41 -28.05 3.67 -10.09
C SER F 41 -27.75 4.29 -8.71
N LYS F 42 -28.79 4.35 -7.85
CA LYS F 42 -28.64 4.76 -6.45
C LYS F 42 -27.70 3.80 -5.71
N PHE F 43 -27.94 2.50 -5.90
CA PHE F 43 -27.14 1.49 -5.23
C PHE F 43 -26.08 0.83 -6.10
N GLU F 44 -25.82 1.41 -7.28
CA GLU F 44 -24.68 1.00 -8.10
C GLU F 44 -23.40 1.37 -7.37
N TYR F 45 -22.46 0.41 -7.28
CA TYR F 45 -21.27 0.56 -6.43
C TYR F 45 -20.52 1.85 -6.68
N ALA F 46 -20.19 2.13 -7.94
CA ALA F 46 -19.46 3.33 -8.29
C ALA F 46 -20.17 4.59 -7.82
N ASN F 47 -21.49 4.64 -8.00
CA ASN F 47 -22.27 5.80 -7.56
C ASN F 47 -22.27 6.00 -6.04
N MET F 48 -22.38 4.89 -5.30
CA MET F 48 -22.36 4.95 -3.84
C MET F 48 -21.00 5.39 -3.34
N VAL F 49 -19.93 4.88 -3.97
CA VAL F 49 -18.55 5.25 -3.63
C VAL F 49 -18.33 6.74 -3.84
N GLU F 50 -18.88 7.26 -4.93
CA GLU F 50 -18.77 8.68 -5.22
C GLU F 50 -19.43 9.48 -4.11
N ASP F 51 -20.65 9.11 -3.73
CA ASP F 51 -21.39 9.84 -2.67
C ASP F 51 -20.66 9.79 -1.34
N ILE F 52 -20.14 8.62 -1.00
CA ILE F 52 -19.38 8.39 0.24
C ILE F 52 -18.17 9.30 0.30
N ARG F 53 -17.40 9.33 -0.79
CA ARG F 53 -16.18 10.11 -0.87
C ARG F 53 -16.45 11.59 -0.71
N GLU F 54 -17.56 12.04 -1.30
CA GLU F 54 -18.02 13.42 -1.17
C GLU F 54 -18.34 13.77 0.27
N LYS F 55 -19.02 12.85 0.97
CA LYS F 55 -19.35 13.04 2.38
C LYS F 55 -18.09 13.12 3.24
N VAL F 56 -17.15 12.23 2.98
CA VAL F 56 -15.85 12.18 3.64
C VAL F 56 -15.10 13.50 3.48
N SER F 57 -14.98 13.95 2.23
CA SER F 57 -14.27 15.19 1.91
C SER F 57 -14.77 16.40 2.71
N SER F 58 -16.09 16.55 2.79
CA SER F 58 -16.69 17.70 3.46
C SER F 58 -16.53 17.66 4.98
N GLU F 59 -16.49 16.47 5.56
CA GLU F 59 -16.22 16.37 7.00
C GLU F 59 -14.70 16.46 7.31
N MET F 60 -13.86 15.94 6.40
CA MET F 60 -12.39 16.08 6.53
C MET F 60 -11.95 17.55 6.40
N GLU F 61 -12.45 18.24 5.37
CA GLU F 61 -12.14 19.65 5.07
C GLU F 61 -12.36 20.55 6.29
N ARG F 62 -13.36 20.21 7.08
CA ARG F 62 -13.70 20.90 8.32
C ARG F 62 -12.56 20.85 9.34
N PHE F 63 -11.78 19.76 9.30
CA PHE F 63 -10.65 19.50 10.23
C PHE F 63 -9.27 19.48 9.58
N PHE F 64 -9.22 18.97 8.33
CA PHE F 64 -7.95 18.84 7.62
C PHE F 64 -8.00 19.50 6.24
N PRO F 65 -7.38 20.69 6.11
CA PRO F 65 -7.27 21.38 4.84
C PRO F 65 -6.33 20.67 3.86
N ALA G 3 -16.85 18.93 32.75
CA ALA G 3 -17.80 18.49 31.69
C ALA G 3 -17.31 17.29 30.87
N PHE G 4 -16.01 16.99 30.94
CA PHE G 4 -15.43 15.94 30.09
C PHE G 4 -14.56 14.91 30.84
N ASN G 5 -14.84 13.64 30.57
CA ASN G 5 -14.08 12.52 31.14
C ASN G 5 -13.38 11.74 30.01
N GLN G 6 -12.06 11.89 29.91
CA GLN G 6 -11.29 11.24 28.83
C GLN G 6 -11.26 9.71 28.93
N THR G 7 -11.20 9.21 30.17
CA THR G 7 -11.20 7.76 30.40
C THR G 7 -12.50 7.10 29.94
N GLU G 8 -13.63 7.69 30.32
CA GLU G 8 -14.95 7.21 29.89
C GLU G 8 -15.11 7.30 28.37
N PHE G 9 -14.58 8.38 27.79
CA PHE G 9 -14.59 8.57 26.35
C PHE G 9 -13.86 7.44 25.64
N ASN G 10 -12.66 7.14 26.12
CA ASN G 10 -11.86 6.05 25.57
C ASN G 10 -12.55 4.69 25.73
N LYS G 11 -13.22 4.47 26.86
CA LYS G 11 -13.97 3.24 27.11
C LYS G 11 -15.04 3.00 26.05
N LEU G 12 -15.90 4.00 25.88
CA LEU G 12 -16.96 3.94 24.89
C LEU G 12 -16.38 3.82 23.48
N LEU G 13 -15.40 4.66 23.17
CA LEU G 13 -14.73 4.60 21.87
C LEU G 13 -14.21 3.20 21.54
N LEU G 14 -13.46 2.62 22.48
CA LEU G 14 -12.92 1.28 22.28
C LEU G 14 -14.00 0.22 22.18
N GLU G 15 -15.02 0.29 23.04
CA GLU G 15 -16.11 -0.69 23.00
C GLU G 15 -16.82 -0.67 21.64
N CYS G 16 -17.08 0.53 21.12
CA CYS G 16 -17.73 0.67 19.82
C CYS G 16 -16.93 0.07 18.67
N VAL G 17 -15.64 0.40 18.58
CA VAL G 17 -14.85 -0.04 17.42
C VAL G 17 -14.56 -1.53 17.43
N VAL G 18 -14.32 -2.09 18.62
CA VAL G 18 -14.13 -3.54 18.77
C VAL G 18 -15.44 -4.27 18.48
N LYS G 19 -16.55 -3.78 19.02
CA LYS G 19 -17.86 -4.39 18.78
C LYS G 19 -18.25 -4.35 17.29
N THR G 20 -17.99 -3.20 16.66
CA THR G 20 -18.23 -3.03 15.23
C THR G 20 -17.38 -3.96 14.36
N GLN G 21 -16.08 -4.08 14.65
CA GLN G 21 -15.22 -4.98 13.88
C GLN G 21 -15.69 -6.42 13.99
N SER G 22 -16.02 -6.83 15.20
CA SER G 22 -16.48 -8.20 15.42
C SER G 22 -17.81 -8.44 14.71
N SER G 23 -18.72 -7.46 14.75
CA SER G 23 -20.01 -7.57 14.11
C SER G 23 -19.90 -7.59 12.59
N VAL G 24 -18.99 -6.76 12.09
CA VAL G 24 -18.73 -6.65 10.66
C VAL G 24 -18.10 -7.94 10.11
N ALA G 25 -17.23 -8.57 10.89
CA ALA G 25 -16.65 -9.86 10.49
C ALA G 25 -17.75 -10.89 10.23
N LYS G 26 -18.73 -10.93 11.12
CA LYS G 26 -19.85 -11.85 10.97
C LYS G 26 -20.73 -11.51 9.76
N ILE G 27 -21.02 -10.23 9.57
CA ILE G 27 -21.74 -9.79 8.39
C ILE G 27 -21.01 -10.20 7.12
N LEU G 28 -19.70 -9.96 7.08
CA LEU G 28 -18.88 -10.37 5.96
C LEU G 28 -19.02 -11.87 5.70
N GLY G 29 -18.98 -12.65 6.78
CA GLY G 29 -19.17 -14.10 6.70
C GLY G 29 -20.47 -14.49 6.03
N ILE G 30 -21.57 -13.94 6.52
CA ILE G 30 -22.90 -14.21 5.95
C ILE G 30 -22.98 -13.78 4.49
N GLU G 31 -22.45 -12.59 4.19
CA GLU G 31 -22.47 -12.05 2.83
C GLU G 31 -21.67 -12.89 1.84
N SER G 32 -20.55 -13.44 2.29
CA SER G 32 -19.71 -14.27 1.42
C SER G 32 -20.43 -15.55 1.01
N LEU G 33 -21.43 -15.93 1.80
CA LEU G 33 -22.24 -17.14 1.54
C LEU G 33 -23.46 -16.85 0.67
N SER G 34 -23.69 -15.57 0.40
CA SER G 34 -24.84 -15.10 -0.37
C SER G 34 -24.90 -15.76 -1.76
N PRO G 35 -26.10 -16.18 -2.20
CA PRO G 35 -26.22 -16.99 -3.43
C PRO G 35 -25.77 -16.27 -4.69
N HIS G 36 -25.87 -14.94 -4.70
CA HIS G 36 -25.62 -14.15 -5.91
C HIS G 36 -24.14 -13.85 -6.19
N VAL G 37 -23.24 -14.32 -5.32
CA VAL G 37 -21.81 -14.07 -5.50
C VAL G 37 -20.99 -15.35 -5.60
N SER G 38 -21.63 -16.49 -5.32
CA SER G 38 -20.96 -17.78 -5.41
C SER G 38 -20.50 -18.02 -6.84
N GLY G 39 -19.29 -18.57 -6.97
CA GLY G 39 -18.67 -18.70 -8.28
C GLY G 39 -17.85 -17.47 -8.61
N ASN G 40 -18.12 -16.37 -7.92
CA ASN G 40 -17.24 -15.21 -7.93
C ASN G 40 -16.33 -15.35 -6.73
N SER G 41 -15.05 -15.59 -7.01
CA SER G 41 -14.10 -16.01 -5.98
C SER G 41 -13.54 -14.79 -5.29
N LYS G 42 -13.52 -13.69 -6.03
CA LYS G 42 -13.19 -12.36 -5.50
C LYS G 42 -13.89 -12.14 -4.15
N PHE G 43 -15.07 -12.76 -3.99
CA PHE G 43 -15.89 -12.65 -2.79
C PHE G 43 -15.96 -13.92 -1.94
N GLU G 44 -15.01 -14.83 -2.08
CA GLU G 44 -14.88 -15.97 -1.17
C GLU G 44 -14.24 -15.46 0.12
N TYR G 45 -14.76 -15.93 1.26
CA TYR G 45 -14.38 -15.42 2.59
C TYR G 45 -12.87 -15.33 2.81
N ALA G 46 -12.17 -16.44 2.60
CA ALA G 46 -10.74 -16.50 2.80
C ALA G 46 -10.02 -15.44 1.95
N ASN G 47 -10.42 -15.33 0.68
CA ASN G 47 -9.81 -14.38 -0.25
C ASN G 47 -9.97 -12.94 0.23
N MET G 48 -11.17 -12.61 0.73
CA MET G 48 -11.46 -11.28 1.20
C MET G 48 -10.68 -10.97 2.48
N VAL G 49 -10.62 -11.93 3.38
CA VAL G 49 -9.84 -11.78 4.61
C VAL G 49 -8.36 -11.51 4.31
N GLU G 50 -7.82 -12.22 3.32
CA GLU G 50 -6.43 -12.02 2.93
C GLU G 50 -6.22 -10.57 2.44
N ASP G 51 -7.11 -10.11 1.56
CA ASP G 51 -7.09 -8.75 1.04
C ASP G 51 -7.13 -7.71 2.17
N ILE G 52 -8.06 -7.90 3.09
CA ILE G 52 -8.28 -7.01 4.23
C ILE G 52 -7.02 -6.92 5.11
N ARG G 53 -6.45 -8.09 5.44
CA ARG G 53 -5.26 -8.13 6.29
C ARG G 53 -4.08 -7.40 5.65
N GLU G 54 -3.94 -7.56 4.34
CA GLU G 54 -2.94 -6.85 3.55
C GLU G 54 -3.10 -5.33 3.67
N LYS G 55 -4.34 -4.85 3.54
CA LYS G 55 -4.62 -3.43 3.66
C LYS G 55 -4.29 -2.91 5.07
N VAL G 56 -4.67 -3.68 6.09
CA VAL G 56 -4.40 -3.34 7.48
C VAL G 56 -2.91 -3.23 7.73
N SER G 57 -2.16 -4.25 7.30
CA SER G 57 -0.70 -4.27 7.48
C SER G 57 -0.03 -3.02 6.94
N SER G 58 -0.41 -2.60 5.73
CA SER G 58 0.23 -1.45 5.09
C SER G 58 -0.12 -0.12 5.78
N GLU G 59 -1.30 -0.04 6.36
CA GLU G 59 -1.70 1.13 7.13
C GLU G 59 -1.05 1.12 8.51
N MET G 60 -0.94 -0.05 9.13
CA MET G 60 -0.32 -0.18 10.45
C MET G 60 1.19 0.08 10.40
N GLU G 61 1.85 -0.52 9.40
CA GLU G 61 3.31 -0.37 9.18
C GLU G 61 3.71 1.11 9.10
N ARG G 62 2.80 1.92 8.58
CA ARG G 62 2.95 3.37 8.45
C ARG G 62 3.10 4.07 9.81
N PHE G 63 2.38 3.60 10.82
CA PHE G 63 2.37 4.22 12.15
C PHE G 63 3.09 3.43 13.26
N PHE G 64 3.32 2.14 13.02
CA PHE G 64 3.94 1.27 14.03
C PHE G 64 4.96 0.28 13.45
N PRO G 65 6.25 0.41 13.82
CA PRO G 65 7.28 -0.54 13.40
C PRO G 65 7.12 -1.90 14.07
N ALA H 3 9.43 6.89 15.05
CA ALA H 3 8.64 8.06 14.59
C ALA H 3 7.14 7.77 14.65
N PHE H 4 6.39 8.75 15.16
CA PHE H 4 4.93 8.67 15.27
C PHE H 4 4.36 10.09 15.13
N ASN H 5 3.35 10.23 14.27
CA ASN H 5 2.77 11.52 13.98
C ASN H 5 1.28 11.54 14.37
N GLN H 6 0.95 12.33 15.38
CA GLN H 6 -0.41 12.40 15.92
C GLN H 6 -1.42 13.00 14.93
N THR H 7 -0.99 13.99 14.15
CA THR H 7 -1.86 14.62 13.15
C THR H 7 -2.27 13.63 12.06
N GLU H 8 -1.29 12.90 11.53
CA GLU H 8 -1.56 11.89 10.51
C GLU H 8 -2.43 10.75 11.03
N PHE H 9 -2.21 10.39 12.29
CA PHE H 9 -3.01 9.38 12.97
C PHE H 9 -4.46 9.82 12.99
N ASN H 10 -4.71 11.05 13.44
CA ASN H 10 -6.05 11.61 13.48
C ASN H 10 -6.72 11.70 12.11
N LYS H 11 -5.94 12.02 11.08
CA LYS H 11 -6.44 12.05 9.68
C LYS H 11 -6.99 10.70 9.24
N LEU H 12 -6.16 9.67 9.39
CA LEU H 12 -6.55 8.33 9.02
C LEU H 12 -7.74 7.88 9.87
N LEU H 13 -7.65 8.09 11.17
CA LEU H 13 -8.71 7.68 12.07
C LEU H 13 -10.04 8.30 11.68
N LEU H 14 -10.05 9.61 11.47
CA LEU H 14 -11.26 10.32 11.07
C LEU H 14 -11.77 9.88 9.70
N GLU H 15 -10.86 9.72 8.73
CA GLU H 15 -11.23 9.24 7.40
C GLU H 15 -11.91 7.88 7.47
N CYS H 16 -11.37 6.97 8.27
CA CYS H 16 -11.97 5.65 8.43
C CYS H 16 -13.37 5.68 9.00
N VAL H 17 -13.57 6.36 10.13
CA VAL H 17 -14.85 6.27 10.81
C VAL H 17 -15.96 6.98 10.04
N VAL H 18 -15.64 8.12 9.42
CA VAL H 18 -16.56 8.83 8.53
C VAL H 18 -16.92 7.96 7.30
N LYS H 19 -15.90 7.38 6.68
CA LYS H 19 -16.06 6.49 5.52
C LYS H 19 -16.95 5.29 5.88
N THR H 20 -16.66 4.68 7.02
CA THR H 20 -17.40 3.53 7.51
C THR H 20 -18.85 3.88 7.81
N GLN H 21 -19.09 5.00 8.50
CA GLN H 21 -20.48 5.39 8.79
C GLN H 21 -21.29 5.61 7.52
N SER H 22 -20.68 6.29 6.56
CA SER H 22 -21.34 6.57 5.30
C SER H 22 -21.63 5.26 4.54
N SER H 23 -20.64 4.36 4.52
CA SER H 23 -20.78 3.08 3.84
C SER H 23 -21.83 2.17 4.52
N VAL H 24 -21.83 2.19 5.85
CA VAL H 24 -22.78 1.43 6.64
C VAL H 24 -24.23 1.93 6.46
N ALA H 25 -24.40 3.24 6.34
CA ALA H 25 -25.71 3.83 6.05
C ALA H 25 -26.30 3.24 4.77
N LYS H 26 -25.45 3.13 3.76
CA LYS H 26 -25.81 2.59 2.47
C LYS H 26 -26.21 1.11 2.56
N ILE H 27 -25.39 0.33 3.28
CA ILE H 27 -25.65 -1.09 3.47
C ILE H 27 -26.97 -1.27 4.24
N LEU H 28 -27.18 -0.45 5.25
CA LEU H 28 -28.42 -0.49 6.00
C LEU H 28 -29.61 -0.25 5.07
N GLY H 29 -29.47 0.74 4.19
CA GLY H 29 -30.48 1.05 3.19
C GLY H 29 -30.82 -0.14 2.32
N ILE H 30 -29.79 -0.77 1.76
CA ILE H 30 -29.98 -1.92 0.90
C ILE H 30 -30.64 -3.07 1.68
N GLU H 31 -30.15 -3.31 2.89
CA GLU H 31 -30.65 -4.41 3.70
C GLU H 31 -32.11 -4.22 4.13
N SER H 32 -32.51 -2.96 4.37
CA SER H 32 -33.91 -2.64 4.71
C SER H 32 -34.88 -2.97 3.58
N LEU H 33 -34.35 -3.04 2.35
CA LEU H 33 -35.14 -3.33 1.16
C LEU H 33 -35.17 -4.83 0.85
N SER H 34 -34.39 -5.60 1.60
CA SER H 34 -34.25 -7.04 1.37
C SER H 34 -35.61 -7.74 1.45
N PRO H 35 -35.95 -8.54 0.42
CA PRO H 35 -37.26 -9.21 0.32
C PRO H 35 -37.76 -9.82 1.63
N HIS H 36 -36.83 -10.27 2.47
CA HIS H 36 -37.19 -11.05 3.65
C HIS H 36 -37.52 -10.24 4.89
N VAL H 37 -37.46 -8.91 4.79
CA VAL H 37 -37.77 -8.01 5.92
C VAL H 37 -38.58 -6.79 5.48
N SER H 38 -38.53 -6.52 4.17
CA SER H 38 -39.29 -5.42 3.59
C SER H 38 -40.74 -5.82 3.81
N GLY H 39 -41.34 -5.26 4.86
CA GLY H 39 -42.61 -5.72 5.37
C GLY H 39 -42.63 -5.71 6.88
N ASN H 40 -41.43 -5.85 7.46
CA ASN H 40 -41.26 -5.69 8.90
C ASN H 40 -40.93 -4.23 9.17
N SER H 41 -41.79 -3.57 9.96
CA SER H 41 -41.62 -2.14 10.23
C SER H 41 -40.52 -1.89 11.29
N LYS H 42 -40.10 -2.97 11.95
CA LYS H 42 -38.90 -2.98 12.78
C LYS H 42 -37.66 -2.66 11.93
N PHE H 43 -37.71 -3.02 10.65
CA PHE H 43 -36.58 -2.90 9.75
C PHE H 43 -36.84 -1.94 8.59
N GLU H 44 -37.82 -1.07 8.74
CA GLU H 44 -38.03 0.01 7.79
C GLU H 44 -36.97 1.08 8.07
N TYR H 45 -36.37 1.60 7.01
CA TYR H 45 -35.22 2.49 7.15
C TYR H 45 -35.43 3.67 8.08
N ALA H 46 -36.53 4.40 7.88
CA ALA H 46 -36.81 5.56 8.70
C ALA H 46 -36.92 5.18 10.17
N ASN H 47 -37.57 4.06 10.47
CA ASN H 47 -37.71 3.57 11.83
C ASN H 47 -36.36 3.25 12.48
N MET H 48 -35.49 2.61 11.72
CA MET H 48 -34.18 2.23 12.23
C MET H 48 -33.30 3.46 12.46
N VAL H 49 -33.38 4.41 11.54
CA VAL H 49 -32.65 5.66 11.69
C VAL H 49 -33.10 6.43 12.94
N GLU H 50 -34.40 6.42 13.20
CA GLU H 50 -34.93 7.05 14.41
C GLU H 50 -34.32 6.40 15.66
N ASP H 51 -34.34 5.08 15.70
CA ASP H 51 -33.77 4.29 16.80
C ASP H 51 -32.31 4.63 17.04
N ILE H 52 -31.55 4.62 15.94
CA ILE H 52 -30.12 4.88 15.95
C ILE H 52 -29.81 6.28 16.48
N ARG H 53 -30.53 7.27 15.98
CA ARG H 53 -30.32 8.66 16.39
C ARG H 53 -30.60 8.86 17.87
N GLU H 54 -31.61 8.17 18.38
CA GLU H 54 -31.94 8.22 19.82
C GLU H 54 -30.82 7.61 20.67
N LYS H 55 -30.24 6.50 20.20
CA LYS H 55 -29.11 5.88 20.89
C LYS H 55 -27.89 6.80 20.91
N VAL H 56 -27.60 7.43 19.77
CA VAL H 56 -26.51 8.40 19.64
C VAL H 56 -26.68 9.57 20.60
N SER H 57 -27.87 10.19 20.58
CA SER H 57 -28.21 11.29 21.48
C SER H 57 -27.89 11.00 22.94
N SER H 58 -28.29 9.83 23.43
CA SER H 58 -28.14 9.50 24.85
C SER H 58 -26.68 9.23 25.21
N GLU H 59 -25.89 8.73 24.25
CA GLU H 59 -24.46 8.54 24.45
C GLU H 59 -23.69 9.87 24.36
N MET H 60 -24.12 10.73 23.42
CA MET H 60 -23.51 12.04 23.25
C MET H 60 -23.77 12.96 24.45
N GLU H 61 -25.02 13.00 24.90
CA GLU H 61 -25.45 13.84 26.03
C GLU H 61 -24.65 13.56 27.30
N ARG H 62 -24.19 12.32 27.42
CA ARG H 62 -23.35 11.86 28.51
C ARG H 62 -21.99 12.58 28.54
N PHE H 63 -21.51 12.94 27.36
CA PHE H 63 -20.19 13.56 27.22
C PHE H 63 -20.24 15.04 26.86
N PHE H 64 -21.32 15.48 26.21
CA PHE H 64 -21.43 16.85 25.69
C PHE H 64 -22.77 17.56 25.98
N PRO H 65 -22.75 18.61 26.83
CA PRO H 65 -23.94 19.39 27.18
C PRO H 65 -24.49 20.19 26.01
N ASP I 3 6.27 13.13 5.31
CA ASP I 3 5.48 11.88 5.50
C ASP I 3 6.41 10.66 5.60
N VAL I 4 6.99 10.26 4.47
CA VAL I 4 7.89 9.09 4.38
C VAL I 4 9.32 9.44 4.76
N GLU I 5 9.99 8.52 5.41
CA GLU I 5 11.34 8.76 5.88
C GLU I 5 12.41 7.96 5.10
N PRO I 6 13.65 8.44 5.09
CA PRO I 6 14.77 7.76 4.41
C PRO I 6 14.77 6.25 4.67
N GLY I 7 14.69 5.47 3.60
CA GLY I 7 14.68 4.02 3.72
C GLY I 7 13.33 3.36 3.67
N ASP I 8 12.26 4.15 3.74
CA ASP I 8 10.91 3.61 3.59
C ASP I 8 10.68 3.31 2.12
N ASP I 9 9.94 2.23 1.83
CA ASP I 9 9.50 1.96 0.46
C ASP I 9 8.46 3.00 0.06
N PHE I 10 8.39 3.28 -1.22
CA PHE I 10 7.44 4.25 -1.74
C PHE I 10 6.97 3.83 -3.13
N VAL J 4 25.21 -12.13 5.79
CA VAL J 4 25.49 -11.47 4.48
C VAL J 4 26.23 -10.15 4.71
N GLU J 5 27.30 -9.94 3.96
CA GLU J 5 28.15 -8.76 4.15
C GLU J 5 28.03 -7.74 3.00
N PRO J 6 28.35 -6.47 3.28
CA PRO J 6 28.26 -5.39 2.29
C PRO J 6 28.89 -5.80 0.96
N GLY J 7 28.10 -5.75 -0.11
CA GLY J 7 28.57 -6.14 -1.43
C GLY J 7 28.25 -7.55 -1.87
N ASP J 8 27.79 -8.41 -0.95
CA ASP J 8 27.32 -9.75 -1.33
C ASP J 8 25.99 -9.63 -2.06
N ASP J 9 25.78 -10.47 -3.06
CA ASP J 9 24.49 -10.60 -3.72
C ASP J 9 23.49 -11.19 -2.73
N PHE J 10 22.22 -10.82 -2.88
CA PHE J 10 21.18 -11.29 -1.99
C PHE J 10 19.86 -11.49 -2.74
N VAL K 4 38.71 -1.79 -17.57
CA VAL K 4 37.57 -0.84 -17.44
C VAL K 4 37.78 0.13 -16.29
N GLU K 5 37.52 1.41 -16.55
CA GLU K 5 37.73 2.48 -15.58
C GLU K 5 36.40 3.00 -15.00
N PRO K 6 36.42 3.48 -13.74
CA PRO K 6 35.24 4.10 -13.15
C PRO K 6 34.50 5.05 -14.09
N GLY K 7 33.24 4.73 -14.34
CA GLY K 7 32.41 5.54 -15.23
C GLY K 7 32.26 4.99 -16.63
N ASP K 8 33.05 3.97 -16.98
CA ASP K 8 32.86 3.28 -18.25
C ASP K 8 31.62 2.39 -18.16
N ASP K 9 30.88 2.29 -19.26
CA ASP K 9 29.83 1.29 -19.37
C ASP K 9 30.41 -0.10 -19.42
N PHE K 10 29.70 -1.07 -18.88
CA PHE K 10 30.15 -2.44 -18.92
C PHE K 10 28.98 -3.39 -19.15
N VAL L 4 20.42 20.52 -18.28
CA VAL L 4 19.91 19.56 -17.25
C VAL L 4 20.72 19.68 -15.97
N GLU L 5 20.03 19.80 -14.83
CA GLU L 5 20.69 19.98 -13.54
C GLU L 5 20.58 18.74 -12.63
N PRO L 6 21.54 18.56 -11.71
CA PRO L 6 21.52 17.44 -10.78
C PRO L 6 20.15 17.20 -10.18
N GLY L 7 19.61 16.01 -10.40
CA GLY L 7 18.30 15.64 -9.87
C GLY L 7 17.14 15.76 -10.85
N ASP L 8 17.40 16.34 -12.03
CA ASP L 8 16.37 16.39 -13.06
C ASP L 8 16.26 15.00 -13.70
N ASP L 9 15.06 14.62 -14.09
CA ASP L 9 14.87 13.42 -14.89
C ASP L 9 15.47 13.66 -16.27
N PHE L 10 15.94 12.59 -16.90
CA PHE L 10 16.53 12.68 -18.22
C PHE L 10 16.16 11.45 -19.04
N VAL M 4 -36.46 10.66 5.96
CA VAL M 4 -35.16 10.06 5.53
C VAL M 4 -35.41 8.77 4.75
N GLU M 5 -34.78 8.63 3.58
CA GLU M 5 -34.98 7.46 2.71
C GLU M 5 -33.78 6.52 2.66
N PRO M 6 -34.00 5.23 2.32
CA PRO M 6 -32.92 4.25 2.28
C PRO M 6 -31.72 4.75 1.50
N GLY M 7 -30.57 4.81 2.15
CA GLY M 7 -29.35 5.28 1.50
C GLY M 7 -28.98 6.73 1.77
N ASP M 8 -29.88 7.46 2.42
CA ASP M 8 -29.57 8.82 2.88
C ASP M 8 -28.64 8.74 4.08
N ASP M 9 -27.68 9.66 4.17
CA ASP M 9 -26.87 9.81 5.36
C ASP M 9 -27.74 10.35 6.50
N PHE M 10 -27.42 9.94 7.72
CA PHE M 10 -28.18 10.35 8.89
C PHE M 10 -27.24 10.61 10.06
N VAL N 4 -32.11 -11.67 23.46
CA VAL N 4 -32.03 -10.48 22.57
C VAL N 4 -32.37 -10.87 21.12
N GLU N 5 -33.15 -10.02 20.47
CA GLU N 5 -33.67 -10.35 19.14
C GLU N 5 -33.07 -9.52 18.01
N PRO N 6 -33.10 -10.05 16.77
CA PRO N 6 -32.59 -9.34 15.60
C PRO N 6 -32.97 -7.86 15.58
N GLY N 7 -31.97 -6.98 15.59
CA GLY N 7 -32.21 -5.54 15.55
C GLY N 7 -32.15 -4.84 16.89
N ASP N 8 -32.08 -5.62 17.97
CA ASP N 8 -31.88 -5.05 19.30
C ASP N 8 -30.40 -4.60 19.42
N ASP N 9 -30.16 -3.49 20.11
CA ASP N 9 -28.81 -3.09 20.44
C ASP N 9 -28.24 -4.03 21.49
N PHE N 10 -26.93 -4.24 21.43
CA PHE N 10 -26.25 -5.13 22.37
C PHE N 10 -24.87 -4.58 22.73
N VAL O 4 -13.82 2.12 -10.47
CA VAL O 4 -13.77 1.31 -9.22
C VAL O 4 -14.84 0.22 -9.28
N GLU O 5 -14.46 -1.03 -9.00
CA GLU O 5 -15.38 -2.17 -9.09
C GLU O 5 -15.77 -2.69 -7.70
N PRO O 6 -16.96 -3.31 -7.59
CA PRO O 6 -17.42 -3.90 -6.35
C PRO O 6 -16.33 -4.72 -5.64
N GLY O 7 -16.02 -4.33 -4.41
CA GLY O 7 -15.00 -5.01 -3.63
C GLY O 7 -13.63 -4.34 -3.62
N ASP O 8 -13.44 -3.35 -4.49
CA ASP O 8 -12.23 -2.54 -4.45
C ASP O 8 -12.27 -1.63 -3.23
N ASP O 9 -11.10 -1.41 -2.63
CA ASP O 9 -10.95 -0.39 -1.60
C ASP O 9 -11.11 0.98 -2.25
N PHE O 10 -11.63 1.93 -1.48
CA PHE O 10 -11.81 3.30 -1.96
C PHE O 10 -11.46 4.30 -0.85
N VAL P 4 -9.10 -19.77 7.83
CA VAL P 4 -10.20 -19.05 8.54
C VAL P 4 -11.54 -19.27 7.83
N GLU P 5 -12.57 -19.52 8.63
CA GLU P 5 -13.92 -19.87 8.14
C GLU P 5 -14.91 -18.74 8.35
N PRO P 6 -15.94 -18.66 7.47
CA PRO P 6 -17.00 -17.65 7.63
C PRO P 6 -17.50 -17.54 9.07
N GLY P 7 -17.40 -16.35 9.64
CA GLY P 7 -17.83 -16.10 11.01
C GLY P 7 -16.73 -16.13 12.05
N ASP P 8 -15.52 -16.52 11.64
CA ASP P 8 -14.36 -16.44 12.53
C ASP P 8 -13.90 -15.00 12.63
N ASP P 9 -13.43 -14.60 13.81
CA ASP P 9 -12.79 -13.30 13.94
C ASP P 9 -11.44 -13.32 13.25
N PHE P 10 -11.03 -12.17 12.74
CA PHE P 10 -9.74 -12.05 12.07
C PHE P 10 -9.09 -10.71 12.37
#